data_5LWM
#
_entry.id   5LWM
#
_cell.length_a   42.029
_cell.length_b   62.450
_cell.length_c   51.270
_cell.angle_alpha   90.00
_cell.angle_beta   92.88
_cell.angle_gamma   90.00
#
_symmetry.space_group_name_H-M   'P 1 21 1'
#
loop_
_entity.id
_entity.type
_entity.pdbx_description
1 polymer 'Tyrosine-protein kinase JAK3'
2 non-polymer 2-cyano-3-[5-(3-cyclohexyl-3,5,8,10-tetrazatricyclo[7.3.0.0^{2,6}]dodeca-1,4,6,8,11-pentaen-4-yl)furan-2-yl]-~{N},~{N}-dimethyl-prop-2-enamide
3 non-polymer 1-phenylurea
4 non-polymer 1,2-ETHANEDIOL
5 water water
#
_entity_poly.entity_id   1
_entity_poly.type   'polypeptide(L)'
_entity_poly.pdbx_seq_one_letter_code
;SMQDPTIFEERHLKYISQLGKGNFGSVELCRYDPLGDNTGALVAVKQLQHSGPDQQRDFQREIQILKALHSDFIVKYRGV
SYGPGRQSLRLVMEYLPSGCLRDFLQRHRARLDASRLLLYSSQICKGMEYLGSRRCVHRALAARNILVESEAHVKIADFG
LAKLLPLDKDYYVVREPGQSPIFWYAPESLSDNIFSRQSDVWSFGVVLYELFTYCDKSCSPSAEFLRMMGSERDVPALSR
LLELLEEGQRLPAPPACPAEVHELMKLCWAPSPQDRPSFSALGPQLDMLWSGSR
;
_entity_poly.pdbx_strand_id   A
#
# COMPACT_ATOMS: atom_id res chain seq x y z
N PRO A 5 -26.67 -8.34 6.33
CA PRO A 5 -25.47 -8.31 7.19
C PRO A 5 -24.40 -7.24 6.83
N THR A 6 -24.41 -6.77 5.58
CA THR A 6 -23.46 -5.76 5.12
C THR A 6 -23.95 -4.29 5.28
N ILE A 7 -25.16 -4.06 5.78
CA ILE A 7 -25.57 -2.69 6.15
C ILE A 7 -25.51 -2.53 7.67
N PHE A 8 -24.67 -1.60 8.09
CA PHE A 8 -24.44 -1.29 9.47
C PHE A 8 -25.27 -0.04 9.73
N GLU A 9 -26.08 -0.03 10.78
CA GLU A 9 -26.87 1.12 11.09
C GLU A 9 -25.98 2.15 11.73
N GLU A 10 -25.98 3.36 11.19
CA GLU A 10 -25.06 4.43 11.66
C GLU A 10 -25.20 4.73 13.16
N ARG A 11 -26.42 4.67 13.67
CA ARG A 11 -26.67 5.02 15.07
C ARG A 11 -26.14 3.94 16.02
N HIS A 12 -25.69 2.79 15.49
CA HIS A 12 -25.11 1.73 16.29
C HIS A 12 -23.59 1.69 16.18
N LEU A 13 -23.00 2.58 15.36
CA LEU A 13 -21.52 2.70 15.27
C LEU A 13 -20.98 3.71 16.27
N LYS A 14 -20.17 3.27 17.24
CA LYS A 14 -19.64 4.14 18.28
C LYS A 14 -18.17 4.46 18.07
N TYR A 15 -17.88 5.72 17.81
CA TYR A 15 -16.50 6.20 17.62
C TYR A 15 -15.62 5.98 18.84
N ILE A 16 -14.38 5.49 18.60
CA ILE A 16 -13.37 5.34 19.64
C ILE A 16 -12.13 6.20 19.42
N SER A 17 -11.52 6.11 18.23
CA SER A 17 -10.27 6.80 17.97
C SER A 17 -9.94 6.78 16.49
N GLN A 18 -8.96 7.60 16.12
CA GLN A 18 -8.54 7.73 14.73
C GLN A 18 -7.43 6.74 14.41
N LEU A 19 -7.58 6.00 13.31
CA LEU A 19 -6.53 5.06 12.85
C LEU A 19 -5.66 5.66 11.75
N GLY A 20 -6.26 6.45 10.87
CA GLY A 20 -5.55 7.07 9.76
C GLY A 20 -6.27 8.31 9.29
N LYS A 21 -5.51 9.21 8.70
CA LYS A 21 -6.02 10.44 8.19
C LYS A 21 -5.29 10.74 6.88
N GLY A 22 -6.05 11.14 5.86
CA GLY A 22 -5.48 11.74 4.67
C GLY A 22 -6.10 13.10 4.42
N ASN A 23 -5.83 13.61 3.22
CA ASN A 23 -6.31 14.92 2.80
C ASN A 23 -7.83 14.99 2.87
N PHE A 24 -8.47 13.91 2.42
CA PHE A 24 -9.90 13.89 2.16
C PHE A 24 -10.69 12.82 2.92
N GLY A 25 -10.10 12.25 3.96
CA GLY A 25 -10.79 11.16 4.65
C GLY A 25 -10.05 10.70 5.88
N SER A 26 -10.72 9.83 6.63
CA SER A 26 -10.14 9.26 7.83
C SER A 26 -10.68 7.87 8.01
N VAL A 27 -9.92 7.07 8.74
CA VAL A 27 -10.30 5.73 9.10
C VAL A 27 -10.31 5.77 10.63
N GLU A 28 -11.42 5.36 11.20
CA GLU A 28 -11.69 5.46 12.65
C GLU A 28 -12.00 4.08 13.20
N LEU A 29 -11.42 3.80 14.37
CA LEU A 29 -11.82 2.65 15.15
C LEU A 29 -13.18 2.95 15.80
N CYS A 30 -14.16 2.09 15.50
CA CYS A 30 -15.52 2.13 16.11
C CYS A 30 -15.90 0.76 16.67
N ARG A 31 -16.85 0.77 17.61
CA ARG A 31 -17.55 -0.44 17.97
C ARG A 31 -18.89 -0.47 17.26
N TYR A 32 -19.27 -1.60 16.62
CA TYR A 32 -20.65 -1.77 16.16
C TYR A 32 -21.42 -2.38 17.33
N ASP A 33 -22.29 -1.58 17.92
CA ASP A 33 -22.88 -1.91 19.21
C ASP A 33 -24.40 -1.85 19.15
N PRO A 34 -25.06 -2.73 18.34
CA PRO A 34 -26.55 -2.69 18.27
C PRO A 34 -27.29 -2.92 19.58
N LEU A 35 -26.63 -3.52 20.58
CA LEU A 35 -27.26 -3.77 21.87
C LEU A 35 -27.05 -2.61 22.81
N GLY A 36 -26.20 -1.66 22.45
CA GLY A 36 -26.01 -0.43 23.21
C GLY A 36 -25.28 -0.62 24.54
N ASP A 37 -24.74 -1.82 24.81
CA ASP A 37 -24.12 -2.12 26.11
C ASP A 37 -22.59 -2.18 26.08
N ASN A 38 -21.99 -1.61 25.03
CA ASN A 38 -20.55 -1.72 24.76
C ASN A 38 -19.95 -3.15 24.72
N THR A 39 -20.72 -4.12 24.24
CA THR A 39 -20.23 -5.48 23.92
C THR A 39 -20.03 -5.84 22.42
N GLY A 40 -20.38 -4.94 21.51
CA GLY A 40 -20.29 -5.25 20.07
C GLY A 40 -18.85 -5.46 19.50
N ALA A 41 -18.78 -5.90 18.24
CA ALA A 41 -17.46 -6.14 17.58
C ALA A 41 -16.86 -4.80 17.17
N LEU A 42 -15.53 -4.74 17.16
CA LEU A 42 -14.81 -3.56 16.69
C LEU A 42 -14.55 -3.63 15.19
N VAL A 43 -14.61 -2.47 14.57
CA VAL A 43 -14.46 -2.32 13.13
C VAL A 43 -13.71 -1.07 12.82
N ALA A 44 -13.13 -1.04 11.64
CA ALA A 44 -12.48 0.17 11.15
C ALA A 44 -13.37 0.79 10.13
N VAL A 45 -13.58 2.10 10.22
CA VAL A 45 -14.61 2.74 9.43
C VAL A 45 -14.02 3.96 8.75
N LYS A 46 -14.17 3.98 7.42
CA LYS A 46 -13.69 5.10 6.60
C LYS A 46 -14.84 6.03 6.25
N GLN A 47 -14.55 7.32 6.34
CA GLN A 47 -15.47 8.39 5.91
C GLN A 47 -14.67 9.54 5.35
N LEU A 48 -15.35 10.36 4.55
CA LEU A 48 -14.68 11.48 3.90
C LEU A 48 -14.81 12.79 4.66
N GLN A 49 -13.81 13.67 4.51
CA GLN A 49 -13.87 15.07 4.92
C GLN A 49 -13.30 15.93 3.79
N HIS A 50 -13.62 17.22 3.79
CA HIS A 50 -13.21 18.15 2.72
C HIS A 50 -13.55 17.63 1.31
N SER A 51 -14.60 16.83 1.19
CA SER A 51 -14.79 16.07 -0.03
C SER A 51 -15.66 16.81 -1.00
N GLY A 52 -15.22 16.83 -2.26
CA GLY A 52 -16.01 17.28 -3.37
C GLY A 52 -16.54 16.10 -4.16
N PRO A 53 -17.10 16.37 -5.34
CA PRO A 53 -17.66 15.35 -6.19
C PRO A 53 -16.68 14.29 -6.57
N ASP A 54 -15.47 14.69 -6.95
CA ASP A 54 -14.44 13.74 -7.38
C ASP A 54 -14.12 12.79 -6.23
N GLN A 55 -14.04 13.33 -5.02
CA GLN A 55 -13.67 12.53 -3.85
C GLN A 55 -14.76 11.52 -3.52
N GLN A 56 -16.02 11.95 -3.65
CA GLN A 56 -17.17 11.10 -3.34
C GLN A 56 -17.25 9.98 -4.36
N ARG A 57 -16.94 10.33 -5.59
CA ARG A 57 -17.02 9.37 -6.65
C ARG A 57 -15.95 8.32 -6.48
N ASP A 58 -14.74 8.76 -6.15
CA ASP A 58 -13.64 7.84 -5.92
C ASP A 58 -13.96 6.91 -4.75
N PHE A 59 -14.66 7.40 -3.73
CA PHE A 59 -14.94 6.57 -2.53
C PHE A 59 -15.94 5.47 -2.87
N GLN A 60 -16.95 5.80 -3.69
CA GLN A 60 -17.89 4.80 -4.17
C GLN A 60 -17.19 3.68 -4.92
N ARG A 61 -16.22 4.10 -5.74
CA ARG A 61 -15.31 3.15 -6.44
C ARG A 61 -14.54 2.25 -5.44
N GLU A 62 -13.94 2.87 -4.45
CA GLU A 62 -13.17 2.14 -3.44
C GLU A 62 -14.00 1.03 -2.74
N ILE A 63 -15.25 1.37 -2.40
CA ILE A 63 -16.13 0.42 -1.75
C ILE A 63 -16.42 -0.76 -2.69
N GLN A 64 -16.73 -0.48 -3.97
CA GLN A 64 -17.08 -1.59 -4.89
C GLN A 64 -15.88 -2.53 -5.16
N ILE A 65 -14.68 -1.96 -5.22
CA ILE A 65 -13.49 -2.75 -5.40
C ILE A 65 -13.28 -3.61 -4.16
N LEU A 66 -13.26 -3.01 -3.00
CA LEU A 66 -12.90 -3.79 -1.81
C LEU A 66 -13.91 -4.89 -1.50
N LYS A 67 -15.20 -4.62 -1.74
CA LYS A 67 -16.23 -5.59 -1.51
C LYS A 67 -16.09 -6.83 -2.36
N ALA A 68 -15.54 -6.68 -3.56
CA ALA A 68 -15.43 -7.78 -4.48
C ALA A 68 -14.19 -8.63 -4.27
N LEU A 69 -13.25 -8.17 -3.49
CA LEU A 69 -12.01 -8.88 -3.28
C LEU A 69 -12.09 -9.88 -2.14
N HIS A 70 -11.62 -11.12 -2.33
CA HIS A 70 -11.63 -12.14 -1.28
C HIS A 70 -10.31 -12.82 -1.26
N SER A 71 -9.37 -12.23 -0.56
CA SER A 71 -8.02 -12.79 -0.44
C SER A 71 -7.61 -12.78 1.01
N ASP A 72 -6.85 -13.79 1.44
CA ASP A 72 -6.25 -13.81 2.77
C ASP A 72 -5.26 -12.68 2.95
N PHE A 73 -4.83 -12.05 1.84
CA PHE A 73 -3.83 -11.00 1.91
C PHE A 73 -4.31 -9.60 1.58
N ILE A 74 -5.63 -9.39 1.65
CA ILE A 74 -6.28 -8.09 1.42
C ILE A 74 -7.22 -7.88 2.56
N VAL A 75 -7.15 -6.69 3.14
CA VAL A 75 -8.06 -6.36 4.28
C VAL A 75 -9.52 -6.61 3.91
N LYS A 76 -10.26 -7.19 4.87
CA LYS A 76 -11.61 -7.59 4.59
C LYS A 76 -12.63 -6.45 4.67
N TYR A 77 -13.45 -6.36 3.64
CA TYR A 77 -14.66 -5.54 3.63
C TYR A 77 -15.69 -6.18 4.56
N ARG A 78 -16.39 -5.34 5.30
CA ARG A 78 -17.48 -5.83 6.17
C ARG A 78 -18.81 -5.33 5.70
N GLY A 79 -18.82 -4.08 5.26
CA GLY A 79 -20.10 -3.47 4.90
C GLY A 79 -20.04 -1.97 4.72
N VAL A 80 -21.22 -1.35 4.69
CA VAL A 80 -21.32 0.09 4.53
C VAL A 80 -22.34 0.64 5.54
N SER A 81 -22.19 1.91 5.84
CA SER A 81 -23.19 2.62 6.64
C SER A 81 -23.54 3.93 5.94
N TYR A 82 -24.77 4.37 6.15
CA TYR A 82 -25.21 5.68 5.68
C TYR A 82 -25.93 6.30 6.87
N GLY A 83 -25.52 7.48 7.30
CA GLY A 83 -26.34 8.33 8.19
C GLY A 83 -27.40 9.17 7.44
N PRO A 84 -28.19 9.95 8.21
CA PRO A 84 -29.07 10.95 7.60
C PRO A 84 -28.26 12.14 7.13
N GLY A 85 -28.89 13.04 6.39
CA GLY A 85 -28.18 14.14 5.72
C GLY A 85 -27.40 13.61 4.52
N ARG A 86 -26.39 14.36 4.08
CA ARG A 86 -25.61 13.98 2.89
C ARG A 86 -24.11 13.91 3.23
N GLN A 87 -23.33 13.40 2.26
CA GLN A 87 -21.93 12.96 2.50
C GLN A 87 -21.85 11.83 3.57
N SER A 88 -22.93 11.06 3.68
CA SER A 88 -23.18 10.16 4.82
C SER A 88 -22.53 8.77 4.71
N LEU A 89 -21.97 8.46 3.55
CA LEU A 89 -21.44 7.11 3.23
C LEU A 89 -20.21 6.72 4.10
N ARG A 90 -20.26 5.52 4.67
CA ARG A 90 -19.11 5.01 5.45
C ARG A 90 -18.77 3.61 4.94
N LEU A 91 -17.49 3.29 4.89
CA LEU A 91 -17.01 1.97 4.53
C LEU A 91 -16.53 1.27 5.81
N VAL A 92 -17.07 0.09 6.05
CA VAL A 92 -16.75 -0.68 7.24
C VAL A 92 -15.82 -1.85 6.86
N MET A 93 -14.68 -1.94 7.53
CA MET A 93 -13.65 -2.96 7.29
C MET A 93 -13.33 -3.63 8.61
N GLU A 94 -12.73 -4.80 8.51
CA GLU A 94 -12.14 -5.43 9.68
C GLU A 94 -11.07 -4.50 10.33
N TYR A 95 -10.97 -4.60 11.65
CA TYR A 95 -9.95 -3.89 12.42
C TYR A 95 -8.84 -4.85 12.80
N LEU A 96 -7.61 -4.47 12.50
CA LEU A 96 -6.43 -5.26 12.84
C LEU A 96 -5.58 -4.52 13.90
N PRO A 97 -5.70 -4.94 15.20
CA PRO A 97 -5.18 -4.09 16.27
C PRO A 97 -3.66 -4.11 16.32
N SER A 98 -3.01 -5.02 15.62
CA SER A 98 -1.50 -5.01 15.56
C SER A 98 -0.98 -3.88 14.71
N GLY A 99 -1.84 -3.25 13.91
CA GLY A 99 -1.48 -2.04 13.20
C GLY A 99 -0.70 -2.29 11.93
N CYS A 100 -0.01 -1.26 11.48
CA CYS A 100 0.66 -1.35 10.21
C CYS A 100 2.03 -1.97 10.32
N LEU A 101 2.45 -2.45 9.17
CA LEU A 101 3.70 -3.15 9.06
C LEU A 101 4.88 -2.19 9.31
N ARG A 102 4.78 -0.98 8.84
CA ARG A 102 5.84 0.01 9.06
C ARG A 102 6.16 0.12 10.54
N ASP A 103 5.15 0.36 11.36
CA ASP A 103 5.33 0.50 12.82
C ASP A 103 5.81 -0.80 13.47
N PHE A 104 5.29 -1.94 13.00
CA PHE A 104 5.58 -3.24 13.56
C PHE A 104 7.04 -3.59 13.33
N LEU A 105 7.52 -3.33 12.11
CA LEU A 105 8.95 -3.53 11.79
C LEU A 105 9.86 -2.69 12.67
N GLN A 106 9.49 -1.44 12.93
CA GLN A 106 10.35 -0.55 13.70
C GLN A 106 10.38 -1.00 15.15
N ARG A 107 9.24 -1.40 15.65
CA ARG A 107 9.16 -1.83 17.07
C ARG A 107 9.89 -3.18 17.30
N HIS A 108 9.72 -4.15 16.42
CA HIS A 108 10.15 -5.51 16.70
C HIS A 108 11.32 -6.00 15.88
N ARG A 109 12.01 -5.08 15.24
CA ARG A 109 13.13 -5.40 14.36
C ARG A 109 14.10 -6.48 14.90
N ALA A 110 14.50 -6.33 16.15
CA ALA A 110 15.57 -7.19 16.70
C ALA A 110 15.18 -8.67 16.76
N ARG A 111 13.88 -8.99 16.73
CA ARG A 111 13.38 -10.37 16.68
C ARG A 111 12.66 -10.84 15.40
N LEU A 112 12.76 -10.10 14.32
CA LEU A 112 12.12 -10.49 13.07
C LEU A 112 13.29 -10.78 12.09
N ASP A 113 13.47 -12.04 11.72
CA ASP A 113 14.60 -12.43 10.90
C ASP A 113 14.29 -12.38 9.43
N ALA A 114 15.29 -12.67 8.60
CA ALA A 114 15.13 -12.56 7.16
C ALA A 114 14.04 -13.53 6.61
N SER A 115 13.95 -14.71 7.20
CA SER A 115 12.89 -15.66 6.83
C SER A 115 11.49 -15.03 7.01
N ARG A 116 11.26 -14.35 8.13
CA ARG A 116 9.98 -13.68 8.39
C ARG A 116 9.74 -12.54 7.38
N LEU A 117 10.75 -11.75 7.10
CA LEU A 117 10.61 -10.70 6.07
C LEU A 117 10.27 -11.32 4.71
N LEU A 118 10.92 -12.44 4.36
CA LEU A 118 10.61 -13.17 3.14
C LEU A 118 9.14 -13.62 3.13
N LEU A 119 8.65 -14.13 4.25
CA LEU A 119 7.23 -14.47 4.37
C LEU A 119 6.34 -13.30 4.07
N TYR A 120 6.61 -12.16 4.71
CA TYR A 120 5.75 -10.99 4.43
C TYR A 120 5.82 -10.63 2.96
N SER A 121 7.01 -10.67 2.40
CA SER A 121 7.21 -10.30 0.98
C SER A 121 6.36 -11.16 0.07
N SER A 122 6.36 -12.44 0.33
CA SER A 122 5.59 -13.43 -0.45
C SER A 122 4.12 -13.15 -0.33
N GLN A 123 3.66 -12.88 0.89
CA GLN A 123 2.22 -12.62 1.13
C GLN A 123 1.75 -11.36 0.44
N ILE A 124 2.58 -10.32 0.53
CA ILE A 124 2.22 -9.07 -0.16
C ILE A 124 2.14 -9.34 -1.66
N CYS A 125 3.14 -10.03 -2.20
CA CYS A 125 3.13 -10.35 -3.62
C CYS A 125 1.88 -11.15 -4.04
N LYS A 126 1.49 -12.14 -3.23
CA LYS A 126 0.24 -12.89 -3.53
C LYS A 126 -0.99 -11.96 -3.56
N GLY A 127 -1.04 -10.99 -2.64
CA GLY A 127 -2.18 -10.06 -2.63
C GLY A 127 -2.14 -9.21 -3.91
N MET A 128 -0.95 -8.82 -4.31
CA MET A 128 -0.81 -7.99 -5.54
C MET A 128 -1.12 -8.83 -6.77
N GLU A 129 -0.79 -10.10 -6.77
CA GLU A 129 -1.14 -10.97 -7.87
C GLU A 129 -2.69 -11.08 -7.98
N TYR A 130 -3.34 -11.20 -6.83
CA TYR A 130 -4.80 -11.26 -6.80
C TYR A 130 -5.36 -10.00 -7.41
N LEU A 131 -4.85 -8.84 -6.98
CA LEU A 131 -5.27 -7.58 -7.56
C LEU A 131 -5.10 -7.51 -9.03
N GLY A 132 -3.94 -7.90 -9.49
CA GLY A 132 -3.63 -7.94 -10.91
C GLY A 132 -4.61 -8.74 -11.75
N SER A 133 -5.07 -9.88 -11.22
CA SER A 133 -5.99 -10.74 -11.91
C SER A 133 -7.34 -10.08 -12.06
N ARG A 134 -7.61 -9.08 -11.24
CA ARG A 134 -8.86 -8.36 -11.28
C ARG A 134 -8.65 -7.00 -11.98
N ARG A 135 -7.51 -6.80 -12.61
CA ARG A 135 -7.16 -5.53 -13.30
C ARG A 135 -7.18 -4.34 -12.40
N CYS A 136 -6.83 -4.55 -11.14
CA CYS A 136 -6.86 -3.45 -10.19
C CYS A 136 -5.39 -2.98 -9.95
N VAL A 137 -5.21 -1.66 -10.08
CA VAL A 137 -3.99 -0.98 -9.73
C VAL A 137 -4.18 -0.35 -8.33
N HIS A 138 -3.31 -0.68 -7.39
CA HIS A 138 -3.43 -0.25 -6.03
C HIS A 138 -2.89 1.13 -5.81
N ARG A 139 -1.73 1.41 -6.43
CA ARG A 139 -1.09 2.72 -6.42
C ARG A 139 -0.41 3.13 -5.11
N ALA A 140 -1.10 2.96 -3.98
CA ALA A 140 -0.66 3.46 -2.68
C ALA A 140 0.28 2.56 -1.92
N LEU A 141 0.47 1.34 -2.42
CA LEU A 141 1.20 0.31 -1.73
C LEU A 141 2.48 0.80 -1.04
N ALA A 142 2.54 0.59 0.25
CA ALA A 142 3.68 1.01 1.11
C ALA A 142 3.58 0.32 2.48
N ALA A 143 4.69 0.18 3.19
CA ALA A 143 4.60 -0.47 4.51
C ALA A 143 3.58 0.18 5.48
N ARG A 144 3.30 1.49 5.33
CA ARG A 144 2.38 2.20 6.19
C ARG A 144 0.94 1.81 5.94
N ASN A 145 0.66 1.13 4.82
CA ASN A 145 -0.74 0.69 4.54
C ASN A 145 -0.87 -0.80 4.38
N ILE A 146 0.15 -1.56 4.80
CA ILE A 146 0.03 -3.02 4.93
C ILE A 146 -0.18 -3.30 6.41
N LEU A 147 -1.15 -4.14 6.73
CA LEU A 147 -1.53 -4.40 8.13
C LEU A 147 -1.04 -5.74 8.59
N VAL A 148 -0.83 -5.84 9.88
CA VAL A 148 -0.39 -7.06 10.53
C VAL A 148 -1.60 -7.72 11.14
N GLU A 149 -1.96 -8.89 10.62
CA GLU A 149 -3.05 -9.67 11.19
C GLU A 149 -2.55 -10.55 12.31
N SER A 150 -1.37 -11.08 12.16
CA SER A 150 -0.68 -11.77 13.22
C SER A 150 0.81 -11.64 12.86
N GLU A 151 1.69 -12.14 13.72
CA GLU A 151 3.11 -11.97 13.44
C GLU A 151 3.57 -12.68 12.17
N ALA A 152 2.83 -13.66 11.69
CA ALA A 152 3.21 -14.31 10.44
C ALA A 152 2.17 -14.11 9.33
N HIS A 153 1.46 -12.99 9.35
CA HIS A 153 0.38 -12.78 8.36
C HIS A 153 0.07 -11.32 8.20
N VAL A 154 0.28 -10.83 6.97
CA VAL A 154 0.00 -9.43 6.65
C VAL A 154 -1.03 -9.35 5.57
N LYS A 155 -1.60 -8.16 5.45
CA LYS A 155 -2.69 -7.87 4.52
C LYS A 155 -2.53 -6.48 3.93
N ILE A 156 -2.88 -6.33 2.67
CA ILE A 156 -2.86 -5.04 2.01
C ILE A 156 -4.11 -4.23 2.32
N ALA A 157 -3.92 -2.96 2.71
CA ALA A 157 -5.05 -2.09 3.02
C ALA A 157 -4.95 -0.77 2.23
N ASP A 158 -5.69 0.28 2.63
CA ASP A 158 -5.70 1.57 1.95
C ASP A 158 -5.92 1.49 0.42
N PHE A 159 -7.18 1.30 0.07
CA PHE A 159 -7.64 1.23 -1.30
C PHE A 159 -8.18 2.59 -1.75
N GLY A 160 -7.73 3.68 -1.10
CA GLY A 160 -8.16 4.99 -1.44
C GLY A 160 -7.81 5.53 -2.82
N LEU A 161 -6.72 5.00 -3.37
CA LEU A 161 -6.32 5.38 -4.72
C LEU A 161 -6.46 4.26 -5.72
N ALA A 162 -7.03 3.14 -5.36
CA ALA A 162 -7.16 1.98 -6.25
C ALA A 162 -8.10 2.27 -7.37
N LYS A 163 -7.81 1.66 -8.51
CA LYS A 163 -8.60 1.88 -9.72
C LYS A 163 -8.56 0.62 -10.57
N LEU A 164 -9.68 0.32 -11.20
CA LEU A 164 -9.75 -0.76 -12.18
C LEU A 164 -9.37 -0.29 -13.56
N LEU A 165 -8.49 -1.05 -14.25
CA LEU A 165 -8.19 -0.77 -15.59
C LEU A 165 -9.37 -1.13 -16.49
N PRO A 166 -9.61 -0.35 -17.53
CA PRO A 166 -10.64 -0.80 -18.48
C PRO A 166 -10.30 -2.15 -19.09
N LEU A 167 -11.25 -2.82 -19.69
CA LEU A 167 -10.97 -4.15 -20.20
C LEU A 167 -9.95 -4.19 -21.35
N ASP A 168 -9.87 -3.11 -22.10
CA ASP A 168 -8.99 -3.06 -23.29
C ASP A 168 -7.79 -2.08 -23.17
N LYS A 169 -7.41 -1.71 -21.95
CA LYS A 169 -6.28 -0.80 -21.78
C LYS A 169 -5.50 -1.21 -20.53
N ASP A 170 -4.19 -1.13 -20.61
CA ASP A 170 -3.37 -1.68 -19.47
CA ASP A 170 -3.23 -1.64 -19.62
C ASP A 170 -2.80 -0.58 -18.58
N TYR A 171 -3.24 0.65 -18.76
CA TYR A 171 -2.84 1.75 -17.89
C TYR A 171 -3.94 2.78 -17.79
N TYR A 172 -3.78 3.72 -16.88
CA TYR A 172 -4.61 4.92 -16.83
C TYR A 172 -3.73 6.13 -16.55
N VAL A 173 -4.26 7.29 -16.88
CA VAL A 173 -3.63 8.56 -16.66
C VAL A 173 -4.49 9.44 -15.82
N VAL A 174 -3.90 10.10 -14.87
CA VAL A 174 -4.59 11.09 -14.03
C VAL A 174 -4.17 12.51 -14.35
N ARG A 175 -4.99 13.47 -13.93
CA ARG A 175 -4.57 14.87 -13.83
C ARG A 175 -3.49 14.93 -12.69
N GLU A 176 -2.52 15.83 -12.78
CA GLU A 176 -1.42 15.84 -11.80
C GLU A 176 -1.86 15.89 -10.33
N PRO A 177 -1.35 14.93 -9.49
CA PRO A 177 -1.67 14.99 -8.06
C PRO A 177 -1.00 16.21 -7.36
N GLY A 178 -1.66 16.71 -6.32
CA GLY A 178 -1.08 17.75 -5.47
C GLY A 178 0.00 17.25 -4.51
N GLN A 179 -0.24 16.07 -3.91
CA GLN A 179 0.64 15.48 -2.88
C GLN A 179 0.84 13.97 -3.07
N SER A 180 1.97 13.60 -3.67
CA SER A 180 2.38 12.21 -3.91
C SER A 180 3.55 11.85 -3.00
N PRO A 181 3.54 10.64 -2.40
CA PRO A 181 4.74 10.06 -1.82
C PRO A 181 5.79 9.70 -2.90
N ILE A 182 6.59 10.70 -3.24
CA ILE A 182 7.35 10.62 -4.49
C ILE A 182 8.32 9.48 -4.51
N PHE A 183 8.81 9.07 -3.33
CA PHE A 183 9.80 8.02 -3.33
C PHE A 183 9.28 6.61 -3.55
N TRP A 184 7.96 6.44 -3.66
CA TRP A 184 7.39 5.13 -3.93
C TRP A 184 6.94 4.96 -5.37
N TYR A 185 6.89 6.03 -6.13
CA TYR A 185 6.25 5.98 -7.44
C TYR A 185 7.22 5.72 -8.57
N ALA A 186 6.72 4.99 -9.57
CA ALA A 186 7.41 4.79 -10.80
C ALA A 186 7.73 6.10 -11.56
N PRO A 187 8.84 6.12 -12.30
CA PRO A 187 9.17 7.36 -13.05
C PRO A 187 8.10 7.81 -14.01
N GLU A 188 7.43 6.87 -14.69
CA GLU A 188 6.36 7.27 -15.61
C GLU A 188 5.14 7.84 -14.88
N SER A 189 4.98 7.46 -13.63
CA SER A 189 3.91 8.03 -12.83
C SER A 189 4.29 9.43 -12.44
N LEU A 190 5.52 9.64 -12.01
CA LEU A 190 5.94 10.98 -11.55
C LEU A 190 6.03 11.98 -12.69
N SER A 191 6.48 11.50 -13.85
CA SER A 191 6.66 12.40 -14.98
C SER A 191 5.43 12.60 -15.85
N ASP A 192 4.65 11.54 -16.09
CA ASP A 192 3.60 11.56 -17.08
C ASP A 192 2.25 11.16 -16.47
N ASN A 193 2.19 10.99 -15.17
CA ASN A 193 0.93 10.60 -14.48
C ASN A 193 0.31 9.30 -14.97
N ILE A 194 1.14 8.37 -15.42
CA ILE A 194 0.72 7.08 -15.91
C ILE A 194 0.82 6.06 -14.76
N PHE A 195 -0.23 5.29 -14.56
CA PHE A 195 -0.25 4.22 -13.54
C PHE A 195 -0.73 2.93 -14.22
N SER A 196 -0.23 1.82 -13.71
CA SER A 196 -0.46 0.52 -14.29
C SER A 196 -0.12 -0.55 -13.26
N ARG A 197 -0.32 -1.79 -13.59
CA ARG A 197 0.14 -2.87 -12.74
C ARG A 197 1.67 -2.87 -12.69
N GLN A 198 2.30 -2.40 -13.77
CA GLN A 198 3.76 -2.31 -13.76
CA GLN A 198 3.76 -2.25 -13.83
C GLN A 198 4.31 -1.15 -12.91
N SER A 199 3.60 -0.07 -12.73
CA SER A 199 3.99 0.93 -11.76
C SER A 199 3.83 0.36 -10.34
N ASP A 200 2.77 -0.42 -10.09
CA ASP A 200 2.67 -1.12 -8.84
C ASP A 200 3.86 -2.02 -8.52
N VAL A 201 4.41 -2.72 -9.53
CA VAL A 201 5.62 -3.50 -9.35
C VAL A 201 6.82 -2.63 -8.87
N TRP A 202 6.96 -1.43 -9.43
CA TRP A 202 7.99 -0.47 -8.97
C TRP A 202 7.79 -0.18 -7.49
N SER A 203 6.58 0.17 -7.09
CA SER A 203 6.29 0.45 -5.68
C SER A 203 6.56 -0.76 -4.80
N PHE A 204 6.26 -1.97 -5.29
CA PHE A 204 6.51 -3.18 -4.47
C PHE A 204 7.97 -3.31 -4.21
N GLY A 205 8.80 -2.90 -5.19
CA GLY A 205 10.21 -2.93 -5.01
C GLY A 205 10.63 -2.02 -3.84
N VAL A 206 10.01 -0.89 -3.71
CA VAL A 206 10.27 0.04 -2.60
C VAL A 206 9.76 -0.59 -1.28
N VAL A 207 8.67 -1.32 -1.34
CA VAL A 207 8.18 -2.09 -0.17
C VAL A 207 9.18 -3.10 0.27
N LEU A 208 9.82 -3.82 -0.69
CA LEU A 208 10.82 -4.76 -0.31
C LEU A 208 11.95 -4.00 0.44
N TYR A 209 12.37 -2.85 -0.08
CA TYR A 209 13.38 -2.01 0.56
C TYR A 209 12.97 -1.63 2.00
N GLU A 210 11.75 -1.25 2.18
CA GLU A 210 11.18 -0.94 3.49
C GLU A 210 11.28 -2.14 4.43
N LEU A 211 10.94 -3.31 3.93
CA LEU A 211 10.96 -4.50 4.77
CA LEU A 211 10.96 -4.54 4.73
C LEU A 211 12.39 -4.82 5.20
N PHE A 212 13.29 -4.83 4.25
CA PHE A 212 14.63 -5.28 4.54
C PHE A 212 15.52 -4.24 5.20
N THR A 213 15.05 -3.03 5.36
CA THR A 213 15.61 -2.05 6.27
C THR A 213 14.85 -1.90 7.57
N TYR A 214 13.81 -2.70 7.78
CA TYR A 214 12.95 -2.58 8.95
C TYR A 214 12.40 -1.16 9.10
N CYS A 215 12.20 -0.46 7.99
CA CYS A 215 11.69 0.90 7.98
C CYS A 215 12.51 1.80 8.87
N ASP A 216 13.82 1.51 9.00
CA ASP A 216 14.68 2.35 9.80
C ASP A 216 14.74 3.75 9.20
N LYS A 217 14.53 4.75 10.06
CA LYS A 217 14.56 6.16 9.64
C LYS A 217 15.92 6.60 9.07
N SER A 218 17.01 6.00 9.56
CA SER A 218 18.35 6.31 9.07
C SER A 218 18.59 5.92 7.61
N CYS A 219 17.81 4.98 7.07
CA CYS A 219 18.04 4.57 5.69
C CYS A 219 16.76 4.54 4.89
N SER A 220 15.84 5.38 5.30
CA SER A 220 14.57 5.54 4.59
C SER A 220 14.81 6.07 3.15
N PRO A 221 13.84 5.85 2.28
CA PRO A 221 14.05 6.38 0.95
C PRO A 221 14.37 7.88 0.92
N SER A 222 13.70 8.68 1.77
CA SER A 222 13.99 10.12 1.84
C SER A 222 15.40 10.38 2.39
N ALA A 223 15.81 9.64 3.41
CA ALA A 223 17.12 9.80 3.93
C ALA A 223 18.17 9.45 2.89
N GLU A 224 17.95 8.38 2.13
CA GLU A 224 18.89 8.00 1.06
C GLU A 224 18.94 9.02 -0.08
N PHE A 225 17.78 9.53 -0.48
CA PHE A 225 17.69 10.61 -1.40
C PHE A 225 18.56 11.80 -0.96
N LEU A 226 18.41 12.20 0.28
CA LEU A 226 19.09 13.39 0.80
C LEU A 226 20.60 13.14 0.81
N ARG A 227 21.04 11.92 1.05
CA ARG A 227 22.45 11.59 0.91
C ARG A 227 22.96 11.58 -0.55
N MET A 228 22.14 11.11 -1.49
CA MET A 228 22.53 10.90 -2.85
C MET A 228 22.32 12.09 -3.75
N MET A 229 21.60 13.09 -3.26
CA MET A 229 21.15 14.15 -4.15
C MET A 229 22.33 15.02 -4.50
N GLY A 230 23.36 14.95 -3.64
CA GLY A 230 24.64 15.60 -3.88
C GLY A 230 24.71 16.83 -3.02
N SER A 231 25.76 17.61 -3.24
CA SER A 231 26.08 18.74 -2.36
C SER A 231 25.22 20.00 -2.61
N GLU A 232 24.54 20.04 -3.77
CA GLU A 232 23.56 21.07 -4.08
C GLU A 232 22.27 20.79 -3.32
N ARG A 233 21.94 21.66 -2.36
CA ARG A 233 20.85 21.46 -1.41
C ARG A 233 19.42 21.95 -1.83
N ASP A 234 19.29 23.17 -2.38
CA ASP A 234 17.96 23.85 -2.62
C ASP A 234 17.28 23.43 -3.95
N VAL A 235 17.57 22.25 -4.44
CA VAL A 235 16.99 21.77 -5.67
C VAL A 235 15.67 21.06 -5.32
N PRO A 236 14.58 21.34 -6.03
CA PRO A 236 13.34 20.67 -5.76
C PRO A 236 13.48 19.15 -5.85
N ALA A 237 12.95 18.46 -4.88
CA ALA A 237 13.24 17.03 -4.71
C ALA A 237 12.71 16.25 -5.93
N LEU A 238 11.50 16.53 -6.35
CA LEU A 238 10.91 15.78 -7.44
C LEU A 238 11.78 15.89 -8.68
N SER A 239 12.19 17.12 -8.98
CA SER A 239 13.03 17.38 -10.18
C SER A 239 14.35 16.58 -10.09
N ARG A 240 14.99 16.61 -8.93
CA ARG A 240 16.24 15.92 -8.74
C ARG A 240 16.09 14.41 -8.74
N LEU A 241 15.05 13.93 -8.09
CA LEU A 241 14.77 12.51 -8.12
C LEU A 241 14.65 11.96 -9.52
N LEU A 242 13.86 12.65 -10.37
CA LEU A 242 13.67 12.19 -11.70
C LEU A 242 15.01 12.14 -12.47
N GLU A 243 15.89 13.10 -12.24
CA GLU A 243 17.25 13.05 -12.84
C GLU A 243 18.07 11.86 -12.34
N LEU A 244 18.08 11.63 -11.04
CA LEU A 244 18.83 10.50 -10.49
C LEU A 244 18.32 9.20 -11.02
N LEU A 245 16.99 9.07 -11.10
CA LEU A 245 16.45 7.81 -11.62
C LEU A 245 16.81 7.62 -13.09
N GLU A 246 16.78 8.70 -13.84
CA GLU A 246 17.08 8.60 -15.26
C GLU A 246 18.56 8.21 -15.45
N GLU A 247 19.44 8.67 -14.56
CA GLU A 247 20.89 8.30 -14.59
C GLU A 247 21.10 6.88 -14.16
N GLY A 248 20.08 6.21 -13.66
CA GLY A 248 20.19 4.81 -13.28
C GLY A 248 20.50 4.59 -11.80
N GLN A 249 20.51 5.64 -11.01
CA GLN A 249 20.71 5.51 -9.60
C GLN A 249 19.46 4.93 -8.95
N ARG A 250 19.69 4.09 -7.96
CA ARG A 250 18.69 3.37 -7.23
C ARG A 250 19.06 3.28 -5.75
N LEU A 251 18.04 3.00 -4.95
CA LEU A 251 18.25 2.76 -3.56
C LEU A 251 19.31 1.67 -3.38
N PRO A 252 20.21 1.86 -2.40
CA PRO A 252 21.22 0.85 -2.12
C PRO A 252 20.72 -0.44 -1.47
N ALA A 253 21.50 -1.52 -1.58
CA ALA A 253 21.13 -2.77 -0.97
C ALA A 253 21.28 -2.59 0.53
N PRO A 254 20.25 -2.90 1.30
CA PRO A 254 20.45 -2.91 2.75
C PRO A 254 21.50 -3.99 3.11
N PRO A 255 22.41 -3.72 4.05
CA PRO A 255 23.50 -4.72 4.31
C PRO A 255 23.01 -6.11 4.65
N ALA A 256 21.92 -6.17 5.38
CA ALA A 256 21.35 -7.42 5.82
C ALA A 256 20.46 -8.08 4.78
N CYS A 257 20.21 -7.41 3.66
CA CYS A 257 19.27 -7.92 2.67
C CYS A 257 19.92 -9.05 1.87
N PRO A 258 19.23 -10.19 1.68
CA PRO A 258 19.85 -11.20 0.80
C PRO A 258 20.11 -10.70 -0.60
N ALA A 259 21.21 -11.11 -1.22
CA ALA A 259 21.58 -10.60 -2.53
C ALA A 259 20.44 -10.88 -3.54
N GLU A 260 19.77 -12.02 -3.42
CA GLU A 260 18.73 -12.39 -4.38
C GLU A 260 17.55 -11.43 -4.25
N VAL A 261 17.28 -10.93 -3.04
CA VAL A 261 16.16 -9.99 -2.85
C VAL A 261 16.49 -8.62 -3.44
N HIS A 262 17.73 -8.18 -3.25
CA HIS A 262 18.21 -6.96 -3.85
C HIS A 262 18.13 -7.01 -5.37
N GLU A 263 18.42 -8.17 -5.95
CA GLU A 263 18.34 -8.32 -7.36
C GLU A 263 16.88 -8.21 -7.82
N LEU A 264 15.98 -8.79 -7.06
CA LEU A 264 14.53 -8.57 -7.36
C LEU A 264 14.15 -7.11 -7.29
N MET A 265 14.61 -6.39 -6.28
CA MET A 265 14.32 -4.94 -6.21
C MET A 265 14.74 -4.25 -7.49
N LYS A 266 15.94 -4.52 -7.93
CA LYS A 266 16.50 -3.89 -9.14
C LYS A 266 15.67 -4.19 -10.36
N LEU A 267 15.18 -5.40 -10.49
CA LEU A 267 14.27 -5.77 -11.57
C LEU A 267 12.94 -5.02 -11.51
N CYS A 268 12.36 -4.89 -10.33
CA CYS A 268 11.19 -4.06 -10.11
C CYS A 268 11.39 -2.62 -10.51
N TRP A 269 12.61 -2.14 -10.44
CA TRP A 269 12.96 -0.74 -10.78
C TRP A 269 13.56 -0.58 -12.17
N ALA A 270 13.28 -1.53 -13.07
CA ALA A 270 13.68 -1.34 -14.47
C ALA A 270 13.08 -0.06 -14.99
N PRO A 271 13.83 0.70 -15.81
CA PRO A 271 13.33 1.96 -16.34
C PRO A 271 12.05 1.82 -17.18
N SER A 272 12.00 0.82 -18.04
CA SER A 272 10.86 0.59 -18.91
C SER A 272 9.86 -0.27 -18.16
N PRO A 273 8.58 0.15 -18.14
CA PRO A 273 7.58 -0.65 -17.42
C PRO A 273 7.45 -2.08 -17.92
N GLN A 274 7.64 -2.23 -19.25
CA GLN A 274 7.55 -3.54 -19.87
C GLN A 274 8.71 -4.47 -19.55
N ASP A 275 9.79 -3.93 -19.00
CA ASP A 275 10.92 -4.73 -18.59
C ASP A 275 10.85 -5.23 -17.14
N ARG A 276 9.90 -4.72 -16.38
CA ARG A 276 9.74 -5.12 -15.00
C ARG A 276 9.04 -6.45 -14.97
N PRO A 277 9.39 -7.32 -14.01
CA PRO A 277 8.70 -8.58 -13.88
C PRO A 277 7.27 -8.35 -13.43
N SER A 278 6.35 -9.23 -13.80
CA SER A 278 5.01 -9.20 -13.22
C SER A 278 5.03 -9.73 -11.79
N PHE A 279 3.94 -9.47 -11.04
CA PHE A 279 3.84 -10.11 -9.75
C PHE A 279 3.83 -11.64 -9.88
N SER A 280 3.26 -12.12 -11.00
CA SER A 280 3.18 -13.57 -11.29
C SER A 280 4.55 -14.18 -11.45
N ALA A 281 5.49 -13.40 -11.95
CA ALA A 281 6.88 -13.80 -12.08
C ALA A 281 7.68 -13.62 -10.78
N LEU A 282 7.42 -12.57 -10.01
CA LEU A 282 8.07 -12.39 -8.73
C LEU A 282 7.68 -13.41 -7.64
N GLY A 283 6.41 -13.78 -7.61
CA GLY A 283 5.87 -14.68 -6.56
C GLY A 283 6.66 -15.98 -6.41
N PRO A 284 6.87 -16.72 -7.54
CA PRO A 284 7.64 -17.96 -7.45
C PRO A 284 9.05 -17.76 -6.90
N GLN A 285 9.66 -16.61 -7.23
CA GLN A 285 11.02 -16.33 -6.77
C GLN A 285 11.02 -16.09 -5.28
N LEU A 286 10.09 -15.26 -4.81
CA LEU A 286 10.01 -15.01 -3.39
C LEU A 286 9.62 -16.29 -2.62
N ASP A 287 8.68 -17.06 -3.19
CA ASP A 287 8.25 -18.33 -2.61
C ASP A 287 9.46 -19.28 -2.45
N MET A 288 10.30 -19.34 -3.47
CA MET A 288 11.53 -20.17 -3.44
CA MET A 288 11.50 -20.18 -3.42
C MET A 288 12.47 -19.67 -2.35
N LEU A 289 12.71 -18.35 -2.32
CA LEU A 289 13.51 -17.79 -1.25
C LEU A 289 12.96 -18.01 0.17
N TRP A 290 11.68 -17.75 0.39
CA TRP A 290 11.09 -18.00 1.67
C TRP A 290 11.19 -19.47 2.07
N SER A 291 10.76 -20.37 1.18
CA SER A 291 10.78 -21.79 1.56
C SER A 291 12.21 -22.28 1.82
N GLY A 292 13.22 -21.72 1.14
CA GLY A 292 14.64 -22.07 1.38
C GLY A 292 15.16 -21.59 2.72
N SER A 293 14.54 -20.55 3.27
CA SER A 293 14.94 -19.91 4.53
C SER A 293 14.29 -20.50 5.76
N ARG A 294 13.31 -21.40 5.61
CA ARG A 294 12.70 -22.07 6.76
C ARG A 294 13.62 -23.15 7.33
#